data_2KHY
#
_entry.id   2KHY
#
_cell.length_a   1.000
_cell.length_b   1.000
_cell.length_c   1.000
_cell.angle_alpha   90.00
_cell.angle_beta   90.00
_cell.angle_gamma   90.00
#
_symmetry.space_group_name_H-M   'P 1'
#
_entity_poly.entity_id   1
_entity_poly.type   'polyribonucleotide'
_entity_poly.pdbx_seq_one_letter_code
;GGGAUCACAAGUAGGACUUCGGUCCGAAUACAGAUCUC
;
_entity_poly.pdbx_strand_id   A
#